data_3JS6
#
_entry.id   3JS6
#
_cell.length_a   49.710
_cell.length_b   74.040
_cell.length_c   50.630
_cell.angle_alpha   90.00
_cell.angle_beta   110.85
_cell.angle_gamma   90.00
#
_symmetry.space_group_name_H-M   'P 1 21 1'
#
loop_
_entity.id
_entity.type
_entity.pdbx_description
1 polymer 'Uncharacterized ParM protein'
2 water water
#
_entity_poly.entity_id   1
_entity_poly.type   'polypeptide(L)'
_entity_poly.pdbx_seq_one_letter_code
;(MSE)SNVYV(MSE)ALDFGNGFVKGKINDEKFVIPSRIGRKTNENNQLKGFVDNKLDVSEFIINGNNDEVLLFGNDLDK
TTNTGKDTASTNDRYDIKSFKDLVECSIGLLAREVPEEVVNVVIATG(MSE)PSNEIGTDKQAKFEKLLNKSRLIEIDGI
AKTINVKGVKIVAQP(MSE)GTLLDLN(MSE)ENGKVFKAFTEGKYSVLDFGSGTTIIDTYQN(MSE)KRVEEESFVINK
GTIDFYKRIASHVSKKSEGASITPRMIEKGLEYKQCKLNQKTVIDFKDEFYKEQDSLIEEV(MSE)SNFEITVGNINSID
RIIVTGGGANIHFDSLSHYYSDVFEKADDSQFSNVRGYEKLGELLKNKVEQESKRGSHHHHHH
;
_entity_poly.pdbx_strand_id   A
#
# COMPACT_ATOMS: atom_id res chain seq x y z
N SER A 2 10.55 -6.78 27.10
CA SER A 2 11.29 -6.43 25.86
C SER A 2 10.89 -5.07 25.28
N ASN A 3 11.77 -4.56 24.41
CA ASN A 3 11.61 -3.27 23.74
C ASN A 3 11.25 -3.55 22.26
N VAL A 4 9.98 -3.90 21.99
CA VAL A 4 9.59 -4.24 20.62
C VAL A 4 8.63 -3.24 19.94
N TYR A 5 8.95 -2.89 18.70
CA TYR A 5 8.15 -1.96 17.91
C TYR A 5 7.40 -2.66 16.80
N VAL A 6 6.34 -2.04 16.30
CA VAL A 6 5.58 -2.67 15.23
C VAL A 6 5.79 -1.91 13.91
N MSE A 7 6.28 -2.60 12.90
CA MSE A 7 6.48 -2.01 11.57
C MSE A 7 5.36 -2.52 10.69
O MSE A 7 5.17 -3.74 10.58
CB MSE A 7 7.78 -2.44 10.92
CG MSE A 7 9.07 -1.84 11.48
SE MSE A 7 10.61 -2.47 10.38
CE MSE A 7 11.99 -1.37 11.10
N ALA A 8 4.63 -1.60 10.04
CA ALA A 8 3.56 -1.97 9.14
C ALA A 8 4.03 -1.49 7.77
N LEU A 9 4.00 -2.39 6.79
CA LEU A 9 4.49 -2.08 5.44
C LEU A 9 3.51 -2.55 4.39
N ASP A 10 3.42 -1.78 3.31
CA ASP A 10 2.49 -2.12 2.23
C ASP A 10 3.24 -1.88 0.93
N PHE A 11 3.70 -2.97 0.30
CA PHE A 11 4.46 -2.85 -0.95
C PHE A 11 3.48 -2.96 -2.11
N GLY A 12 2.81 -1.85 -2.40
CA GLY A 12 1.82 -1.86 -3.45
C GLY A 12 2.23 -1.48 -4.85
N ASN A 13 1.19 -1.32 -5.66
CA ASN A 13 1.27 -0.94 -7.06
C ASN A 13 2.56 -0.21 -7.38
N GLY A 14 2.50 1.11 -7.35
CA GLY A 14 3.65 1.93 -7.62
C GLY A 14 4.20 2.67 -6.42
N PHE A 15 3.64 2.42 -5.24
CA PHE A 15 4.08 3.11 -4.02
C PHE A 15 4.26 2.16 -2.83
N VAL A 16 5.23 2.46 -1.98
CA VAL A 16 5.45 1.66 -0.78
C VAL A 16 4.99 2.55 0.38
N LYS A 17 4.14 2.02 1.25
CA LYS A 17 3.66 2.80 2.40
C LYS A 17 4.26 2.13 3.64
N GLY A 18 4.67 2.93 4.61
CA GLY A 18 5.23 2.40 5.83
C GLY A 18 4.79 3.18 7.06
N LYS A 19 4.70 2.50 8.20
CA LYS A 19 4.31 3.21 9.41
C LYS A 19 4.94 2.55 10.64
N ILE A 20 5.46 3.36 11.54
CA ILE A 20 6.03 2.86 12.79
C ILE A 20 5.67 3.92 13.81
N ASN A 21 5.05 3.51 14.91
CA ASN A 21 4.61 4.45 15.93
C ASN A 21 3.77 5.53 15.22
N ASP A 22 4.10 6.81 15.42
CA ASP A 22 3.33 7.86 14.77
C ASP A 22 3.98 8.38 13.50
N GLU A 23 5.00 7.66 13.03
CA GLU A 23 5.73 8.04 11.84
C GLU A 23 5.27 7.25 10.61
N LYS A 24 5.18 7.90 9.45
CA LYS A 24 4.77 7.16 8.28
C LYS A 24 5.38 7.73 7.02
N PHE A 25 5.38 6.95 5.94
CA PHE A 25 5.91 7.41 4.66
C PHE A 25 5.19 6.76 3.50
N VAL A 26 5.22 7.44 2.34
CA VAL A 26 4.66 6.90 1.11
C VAL A 26 5.61 7.42 0.03
N ILE A 27 6.26 6.49 -0.65
CA ILE A 27 7.32 6.77 -1.63
C ILE A 27 7.13 5.85 -2.81
N PRO A 28 7.41 6.35 -4.04
CA PRO A 28 7.27 5.54 -5.24
C PRO A 28 8.14 4.29 -5.14
N SER A 29 7.64 3.17 -5.68
CA SER A 29 8.37 1.92 -5.64
C SER A 29 9.49 1.95 -6.69
N ARG A 30 10.51 2.76 -6.43
CA ARG A 30 11.67 2.96 -7.32
C ARG A 30 12.88 2.98 -6.44
N ILE A 31 14.01 2.55 -6.95
CA ILE A 31 15.23 2.54 -6.16
C ILE A 31 16.40 2.95 -7.05
N GLY A 32 17.43 3.54 -6.45
CA GLY A 32 18.60 3.93 -7.20
C GLY A 32 19.88 3.51 -6.48
N ARG A 33 21.00 4.02 -6.95
CA ARG A 33 22.28 3.68 -6.36
C ARG A 33 23.20 4.84 -6.61
N LYS A 34 23.98 5.21 -5.60
CA LYS A 34 24.86 6.33 -5.85
C LYS A 34 26.20 5.81 -6.31
N THR A 35 26.53 6.13 -7.56
CA THR A 35 27.77 5.73 -8.18
C THR A 35 28.63 6.94 -8.49
N ASN A 36 29.94 6.72 -8.59
CA ASN A 36 30.91 7.78 -8.84
C ASN A 36 30.81 8.44 -10.21
N GLU A 37 29.98 7.90 -11.09
CA GLU A 37 29.83 8.50 -12.41
C GLU A 37 29.06 9.83 -12.25
N ASN A 38 29.66 10.72 -11.46
CA ASN A 38 29.10 12.04 -11.15
C ASN A 38 28.39 12.78 -12.26
N ASN A 39 27.29 13.40 -11.85
CA ASN A 39 26.44 14.15 -12.74
C ASN A 39 26.83 15.62 -12.70
N GLN A 40 26.13 16.43 -13.47
CA GLN A 40 26.42 17.85 -13.49
C GLN A 40 25.85 18.52 -12.25
N LEU A 41 24.55 18.32 -11.98
CA LEU A 41 23.91 18.92 -10.79
C LEU A 41 23.40 17.95 -9.71
N LYS A 42 22.70 16.92 -10.14
CA LYS A 42 22.11 15.95 -9.22
C LYS A 42 23.13 15.41 -8.22
N GLY A 43 22.87 15.63 -6.94
CA GLY A 43 23.79 15.16 -5.91
C GLY A 43 24.93 16.13 -5.64
N PHE A 44 25.16 17.05 -6.58
CA PHE A 44 26.23 18.03 -6.42
C PHE A 44 25.76 19.30 -5.67
N VAL A 45 24.60 19.84 -6.03
CA VAL A 45 24.08 21.04 -5.37
C VAL A 45 23.69 20.75 -3.91
N ASP A 46 23.55 21.80 -3.08
CA ASP A 46 23.21 21.61 -1.65
C ASP A 46 21.75 21.41 -1.21
N ASN A 47 20.81 21.33 -2.12
CA ASN A 47 19.41 21.16 -1.74
C ASN A 47 19.23 19.96 -0.81
N LYS A 48 18.50 20.17 0.29
CA LYS A 48 18.23 19.09 1.24
C LYS A 48 17.04 18.34 0.65
N LEU A 49 17.33 17.19 0.05
CA LEU A 49 16.30 16.40 -0.62
C LEU A 49 15.70 15.30 0.25
N ASP A 50 14.47 14.92 -0.09
CA ASP A 50 13.78 13.87 0.64
C ASP A 50 14.19 12.53 0.06
N VAL A 51 15.43 12.14 0.34
CA VAL A 51 15.97 10.87 -0.14
C VAL A 51 17.09 10.48 0.81
N SER A 52 17.26 9.18 1.05
CA SER A 52 18.30 8.70 1.95
C SER A 52 19.24 7.68 1.32
N GLU A 53 20.37 7.47 1.97
CA GLU A 53 21.37 6.52 1.51
C GLU A 53 21.34 5.34 2.44
N PHE A 54 21.36 4.13 1.85
CA PHE A 54 21.30 2.90 2.62
C PHE A 54 22.47 1.96 2.33
N ILE A 55 23.15 1.53 3.38
CA ILE A 55 24.25 0.55 3.26
C ILE A 55 23.78 -0.65 4.07
N ILE A 56 23.66 -1.80 3.40
CA ILE A 56 23.15 -3.01 4.05
C ILE A 56 24.26 -4.02 4.40
N ASN A 57 24.29 -4.44 5.66
CA ASN A 57 25.29 -5.40 6.19
C ASN A 57 26.74 -5.09 5.85
N GLY A 58 27.10 -3.82 5.91
CA GLY A 58 28.47 -3.42 5.64
C GLY A 58 28.89 -3.44 4.19
N ASN A 59 27.94 -3.57 3.27
CA ASN A 59 28.32 -3.58 1.85
C ASN A 59 28.50 -2.16 1.31
N ASN A 60 29.69 -1.60 1.55
CA ASN A 60 30.05 -0.25 1.11
C ASN A 60 30.10 -0.11 -0.41
N ASP A 61 30.10 -1.23 -1.11
CA ASP A 61 30.19 -1.21 -2.58
C ASP A 61 28.85 -0.85 -3.20
N GLU A 62 27.80 -0.82 -2.38
CA GLU A 62 26.48 -0.50 -2.90
C GLU A 62 25.72 0.44 -1.98
N VAL A 63 25.68 1.70 -2.33
CA VAL A 63 24.95 2.66 -1.51
C VAL A 63 23.60 2.83 -2.22
N LEU A 64 22.55 2.22 -1.66
CA LEU A 64 21.22 2.29 -2.26
C LEU A 64 20.59 3.68 -2.03
N LEU A 65 19.76 4.13 -2.97
CA LEU A 65 19.08 5.42 -2.87
C LEU A 65 17.57 5.20 -2.91
N PHE A 66 16.88 5.75 -1.92
CA PHE A 66 15.44 5.56 -1.81
C PHE A 66 14.79 6.78 -1.17
N GLY A 67 13.69 7.24 -1.76
CA GLY A 67 12.99 8.41 -1.25
C GLY A 67 12.21 9.15 -2.32
N ASN A 68 11.31 10.03 -1.88
CA ASN A 68 10.48 10.80 -2.80
C ASN A 68 11.27 11.64 -3.80
N ASP A 69 12.45 12.12 -3.39
CA ASP A 69 13.26 12.96 -4.28
C ASP A 69 14.37 12.19 -5.00
N LEU A 70 14.19 10.88 -5.09
CA LEU A 70 15.17 10.03 -5.74
C LEU A 70 15.75 10.59 -7.04
N ASP A 71 14.86 10.93 -7.98
CA ASP A 71 15.28 11.40 -9.29
C ASP A 71 15.92 12.79 -9.31
N LYS A 72 15.83 13.49 -8.18
CA LYS A 72 16.46 14.80 -8.05
C LYS A 72 17.91 14.64 -7.60
N THR A 73 18.28 13.43 -7.20
CA THR A 73 19.67 13.25 -6.74
C THR A 73 20.47 12.26 -7.57
N THR A 74 19.81 11.53 -8.46
CA THR A 74 20.52 10.55 -9.24
C THR A 74 19.79 10.30 -10.55
N ASN A 75 20.45 9.61 -11.44
CA ASN A 75 19.86 9.30 -12.69
C ASN A 75 19.65 7.79 -12.69
N THR A 76 20.17 7.09 -11.60
CA THR A 76 20.06 5.59 -11.47
C THR A 76 18.67 5.09 -11.08
N GLY A 77 17.73 5.96 -10.79
CA GLY A 77 16.38 5.57 -10.39
C GLY A 77 15.72 4.62 -11.37
N LYS A 78 15.16 3.54 -10.84
CA LYS A 78 14.46 2.56 -11.67
C LYS A 78 13.28 1.97 -10.90
N ASP A 79 12.21 1.62 -11.58
CA ASP A 79 11.05 1.02 -10.90
C ASP A 79 11.46 -0.37 -10.41
N THR A 80 10.96 -0.80 -9.26
CA THR A 80 11.30 -2.12 -8.74
C THR A 80 10.38 -3.20 -9.33
N ALA A 81 10.87 -4.42 -9.36
CA ALA A 81 10.11 -5.55 -9.88
C ALA A 81 8.76 -5.61 -9.19
N SER A 82 7.73 -5.90 -9.98
CA SER A 82 6.38 -5.98 -9.46
C SER A 82 5.65 -7.25 -9.89
N THR A 83 6.34 -8.13 -10.61
CA THR A 83 5.74 -9.39 -11.05
C THR A 83 5.49 -10.28 -9.84
N ASN A 84 4.71 -11.34 -10.06
CA ASN A 84 4.37 -12.29 -9.01
C ASN A 84 5.62 -12.97 -8.47
N ASP A 85 6.72 -12.81 -9.18
CA ASP A 85 7.99 -13.40 -8.76
C ASP A 85 8.95 -12.31 -8.29
N ARG A 86 8.39 -11.14 -7.96
CA ARG A 86 9.21 -10.03 -7.48
C ARG A 86 10.01 -10.43 -6.25
N TYR A 87 9.52 -11.43 -5.53
CA TYR A 87 10.20 -11.86 -4.29
C TYR A 87 11.62 -12.36 -4.51
N ASP A 88 11.91 -12.78 -5.74
CA ASP A 88 13.25 -13.29 -6.06
C ASP A 88 14.06 -12.29 -6.88
N ILE A 89 13.52 -11.09 -7.10
CA ILE A 89 14.25 -10.10 -7.88
C ILE A 89 14.96 -9.11 -6.98
N LYS A 90 16.24 -8.87 -7.29
CA LYS A 90 17.10 -7.94 -6.56
C LYS A 90 16.43 -6.61 -6.24
N SER A 91 15.82 -6.03 -7.26
CA SER A 91 15.08 -4.77 -7.19
C SER A 91 14.15 -4.70 -5.96
N PHE A 92 13.29 -5.71 -5.86
CA PHE A 92 12.34 -5.76 -4.78
C PHE A 92 12.99 -6.06 -3.45
N LYS A 93 13.94 -6.99 -3.45
CA LYS A 93 14.63 -7.30 -2.21
C LYS A 93 15.30 -6.07 -1.63
N ASP A 94 15.90 -5.23 -2.49
CA ASP A 94 16.57 -4.02 -2.02
C ASP A 94 15.52 -3.03 -1.49
N LEU A 95 14.39 -2.93 -2.19
CA LEU A 95 13.31 -2.05 -1.78
C LEU A 95 12.85 -2.44 -0.34
N VAL A 96 12.70 -3.73 -0.10
CA VAL A 96 12.28 -4.19 1.22
C VAL A 96 13.29 -3.73 2.29
N GLU A 97 14.58 -3.94 2.05
CA GLU A 97 15.60 -3.51 3.03
C GLU A 97 15.56 -1.98 3.28
N CYS A 98 15.47 -1.16 2.22
CA CYS A 98 15.41 0.30 2.42
C CYS A 98 14.15 0.76 3.18
N SER A 99 13.04 0.08 2.93
CA SER A 99 11.76 0.38 3.56
C SER A 99 11.87 0.04 5.05
N ILE A 100 12.43 -1.13 5.33
CA ILE A 100 12.61 -1.51 6.72
C ILE A 100 13.58 -0.50 7.36
N GLY A 101 14.64 -0.15 6.63
CA GLY A 101 15.60 0.80 7.15
C GLY A 101 15.02 2.17 7.49
N LEU A 102 14.12 2.66 6.63
CA LEU A 102 13.50 3.98 6.86
C LEU A 102 12.69 3.96 8.15
N LEU A 103 11.99 2.85 8.39
CA LEU A 103 11.21 2.76 9.61
C LEU A 103 12.16 2.64 10.81
N ALA A 104 13.24 1.87 10.66
CA ALA A 104 14.22 1.70 11.75
C ALA A 104 14.84 3.03 12.15
N ARG A 105 15.07 3.90 11.17
CA ARG A 105 15.67 5.18 11.45
C ARG A 105 14.78 6.03 12.37
N GLU A 106 13.49 5.72 12.43
CA GLU A 106 12.58 6.48 13.29
C GLU A 106 12.66 6.03 14.75
N VAL A 107 13.48 5.03 15.04
CA VAL A 107 13.64 4.55 16.44
C VAL A 107 15.00 5.07 16.86
N PRO A 108 15.06 5.86 17.96
CA PRO A 108 16.30 6.44 18.47
C PRO A 108 17.42 5.47 18.85
N GLU A 109 17.08 4.39 19.54
CA GLU A 109 18.08 3.39 19.95
C GLU A 109 18.75 2.70 18.79
N GLU A 110 19.96 2.19 19.07
CA GLU A 110 20.77 1.46 18.10
C GLU A 110 20.17 0.12 17.71
N VAL A 111 19.76 -0.65 18.71
CA VAL A 111 19.19 -1.96 18.43
C VAL A 111 17.68 -1.85 18.35
N VAL A 112 17.14 -2.16 17.18
CA VAL A 112 15.71 -2.04 16.91
C VAL A 112 15.05 -3.38 16.77
N ASN A 113 14.30 -3.81 17.79
CA ASN A 113 13.61 -5.10 17.73
C ASN A 113 12.19 -4.81 17.23
N VAL A 114 11.74 -5.60 16.27
CA VAL A 114 10.41 -5.37 15.73
C VAL A 114 9.70 -6.63 15.32
N VAL A 115 8.41 -6.45 15.04
CA VAL A 115 7.59 -7.47 14.44
C VAL A 115 7.16 -6.72 13.16
N ILE A 116 6.97 -7.44 12.06
CA ILE A 116 6.56 -6.83 10.80
C ILE A 116 5.20 -7.36 10.35
N ALA A 117 4.28 -6.44 10.10
CA ALA A 117 2.94 -6.77 9.62
C ALA A 117 2.85 -6.25 8.18
N THR A 118 2.52 -7.11 7.24
CA THR A 118 2.39 -6.66 5.88
C THR A 118 1.32 -7.49 5.16
N GLY A 119 1.15 -7.24 3.88
CA GLY A 119 0.17 -7.96 3.10
C GLY A 119 0.70 -8.35 1.73
N MSE A 120 -0.08 -9.15 1.01
CA MSE A 120 0.30 -9.56 -0.34
C MSE A 120 -0.97 -9.87 -1.11
O MSE A 120 -2.04 -10.01 -0.50
CB MSE A 120 1.26 -10.78 -0.32
CG MSE A 120 0.86 -11.93 0.55
SE MSE A 120 2.17 -13.40 0.50
CE MSE A 120 3.39 -12.92 1.87
N PRO A 121 -0.88 -9.93 -2.46
CA PRO A 121 -2.07 -10.22 -3.28
C PRO A 121 -2.80 -11.45 -2.75
N SER A 122 -4.12 -11.38 -2.74
CA SER A 122 -4.93 -12.49 -2.24
C SER A 122 -4.60 -13.79 -2.93
N ASN A 123 -4.29 -13.73 -4.22
CA ASN A 123 -4.01 -14.95 -4.97
C ASN A 123 -2.67 -15.63 -4.67
N GLU A 124 -1.78 -14.98 -3.91
CA GLU A 124 -0.51 -15.64 -3.59
C GLU A 124 -0.39 -15.96 -2.11
N ILE A 125 -1.40 -15.51 -1.36
CA ILE A 125 -1.47 -15.68 0.09
C ILE A 125 -1.66 -17.09 0.61
N GLY A 126 -0.70 -17.96 0.35
CA GLY A 126 -0.78 -19.34 0.81
C GLY A 126 0.14 -20.20 -0.02
N THR A 127 0.61 -19.64 -1.12
CA THR A 127 1.49 -20.35 -2.03
C THR A 127 2.93 -20.31 -1.54
N ASP A 128 3.84 -20.67 -2.45
CA ASP A 128 5.26 -20.69 -2.16
C ASP A 128 5.78 -19.24 -2.11
N LYS A 129 4.98 -18.32 -2.65
CA LYS A 129 5.34 -16.91 -2.65
C LYS A 129 5.35 -16.41 -1.21
N GLN A 130 4.33 -16.79 -0.44
CA GLN A 130 4.25 -16.38 0.94
C GLN A 130 5.49 -16.88 1.71
N ALA A 131 5.95 -18.08 1.41
CA ALA A 131 7.14 -18.61 2.08
C ALA A 131 8.38 -17.78 1.77
N LYS A 132 8.57 -17.42 0.50
CA LYS A 132 9.72 -16.61 0.13
C LYS A 132 9.63 -15.18 0.64
N PHE A 133 8.43 -14.62 0.73
CA PHE A 133 8.28 -13.23 1.20
C PHE A 133 8.58 -13.23 2.70
N GLU A 134 8.02 -14.18 3.43
CA GLU A 134 8.26 -14.24 4.86
C GLU A 134 9.75 -14.48 5.10
N LYS A 135 10.43 -15.19 4.19
CA LYS A 135 11.87 -15.41 4.37
C LYS A 135 12.66 -14.10 4.15
N LEU A 136 12.17 -13.25 3.28
CA LEU A 136 12.86 -11.99 3.04
C LEU A 136 12.71 -11.13 4.31
N LEU A 137 11.52 -11.13 4.88
CA LEU A 137 11.19 -10.31 6.05
C LEU A 137 11.75 -10.76 7.38
N ASN A 138 11.65 -12.06 7.63
CA ASN A 138 12.10 -12.60 8.90
C ASN A 138 13.58 -12.89 9.04
N LYS A 139 14.36 -11.83 9.30
CA LYS A 139 15.80 -11.95 9.51
C LYS A 139 16.37 -10.69 10.11
N SER A 140 17.53 -10.82 10.74
CA SER A 140 18.20 -9.70 11.34
C SER A 140 19.05 -9.04 10.28
N ARG A 141 19.33 -7.75 10.47
CA ARG A 141 20.19 -7.09 9.50
C ARG A 141 20.73 -5.77 10.01
N LEU A 142 21.89 -5.39 9.52
CA LEU A 142 22.50 -4.13 9.88
C LEU A 142 22.22 -3.17 8.72
N ILE A 143 21.58 -2.05 9.03
CA ILE A 143 21.32 -1.08 7.97
C ILE A 143 21.80 0.27 8.46
N GLU A 144 22.54 0.95 7.59
CA GLU A 144 23.05 2.27 7.92
C GLU A 144 22.24 3.23 7.04
N ILE A 145 21.49 4.12 7.67
CA ILE A 145 20.67 5.09 6.95
C ILE A 145 21.31 6.44 7.13
N ASP A 146 21.71 7.06 6.02
CA ASP A 146 22.38 8.35 6.05
C ASP A 146 23.49 8.34 7.13
N GLY A 147 24.29 7.28 7.10
CA GLY A 147 25.40 7.15 8.05
C GLY A 147 25.09 6.64 9.45
N ILE A 148 23.82 6.48 9.80
CA ILE A 148 23.46 6.01 11.14
C ILE A 148 23.15 4.52 11.17
N ALA A 149 23.96 3.75 11.88
CA ALA A 149 23.80 2.29 11.97
C ALA A 149 22.67 1.85 12.87
N LYS A 150 21.80 0.99 12.35
CA LYS A 150 20.69 0.42 13.13
C LYS A 150 20.82 -1.07 12.98
N THR A 151 20.73 -1.77 14.11
CA THR A 151 20.77 -3.22 14.13
C THR A 151 19.31 -3.59 14.22
N ILE A 152 18.81 -4.32 13.23
CA ILE A 152 17.40 -4.68 13.23
C ILE A 152 17.13 -6.16 13.40
N ASN A 153 16.43 -6.51 14.47
CA ASN A 153 16.07 -7.89 14.73
C ASN A 153 14.57 -8.08 14.52
N VAL A 154 14.16 -9.10 13.80
CA VAL A 154 12.75 -9.33 13.56
C VAL A 154 12.30 -10.48 14.46
N LYS A 155 11.36 -10.18 15.35
CA LYS A 155 10.85 -11.15 16.32
C LYS A 155 9.63 -11.90 15.84
N GLY A 156 9.05 -11.42 14.74
CA GLY A 156 7.87 -12.06 14.20
C GLY A 156 7.39 -11.37 12.94
N VAL A 157 6.65 -12.12 12.11
CA VAL A 157 6.11 -11.60 10.84
C VAL A 157 4.67 -12.07 10.66
N LYS A 158 3.80 -11.15 10.25
CA LYS A 158 2.42 -11.53 10.04
C LYS A 158 2.00 -10.99 8.69
N ILE A 159 1.58 -11.90 7.80
CA ILE A 159 1.17 -11.52 6.45
C ILE A 159 -0.28 -11.88 6.15
N VAL A 160 -1.07 -10.92 5.66
CA VAL A 160 -2.44 -11.26 5.29
C VAL A 160 -2.72 -10.82 3.85
N ALA A 161 -3.92 -11.12 3.36
CA ALA A 161 -4.31 -10.69 2.01
C ALA A 161 -4.49 -9.17 2.06
N GLN A 162 -4.04 -8.46 1.04
CA GLN A 162 -4.12 -6.99 1.07
C GLN A 162 -5.44 -6.34 1.42
N PRO A 163 -6.56 -6.82 0.83
CA PRO A 163 -7.85 -6.21 1.14
C PRO A 163 -8.18 -6.34 2.62
N MSE A 164 -7.56 -7.31 3.31
CA MSE A 164 -7.83 -7.49 4.74
C MSE A 164 -7.31 -6.33 5.59
O MSE A 164 -7.89 -6.00 6.63
CB MSE A 164 -7.21 -8.79 5.25
CG MSE A 164 -8.21 -9.79 5.83
SE MSE A 164 -9.53 -9.07 7.10
CE MSE A 164 -10.56 -10.71 7.33
N GLY A 165 -6.21 -5.73 5.15
CA GLY A 165 -5.67 -4.61 5.90
C GLY A 165 -6.69 -3.49 5.91
N THR A 166 -7.29 -3.26 4.76
CA THR A 166 -8.30 -2.24 4.59
C THR A 166 -9.52 -2.53 5.48
N LEU A 167 -10.04 -3.75 5.41
CA LEU A 167 -11.19 -4.11 6.25
C LEU A 167 -10.89 -3.90 7.74
N LEU A 168 -9.70 -4.30 8.16
CA LEU A 168 -9.27 -4.20 9.55
C LEU A 168 -9.10 -2.76 10.04
N ASP A 169 -8.76 -1.86 9.12
CA ASP A 169 -8.59 -0.45 9.44
C ASP A 169 -9.94 0.04 9.98
N LEU A 170 -11.03 -0.42 9.35
CA LEU A 170 -12.37 0.02 9.72
C LEU A 170 -13.21 -0.99 10.50
N ASN A 171 -12.64 -2.10 10.92
CA ASN A 171 -13.48 -3.05 11.64
C ASN A 171 -12.80 -3.67 12.85
N MSE A 172 -11.81 -2.95 13.38
CA MSE A 172 -11.07 -3.44 14.53
C MSE A 172 -10.53 -2.36 15.46
O MSE A 172 -9.92 -1.37 15.02
CB MSE A 172 -9.91 -4.31 14.03
CG MSE A 172 -9.00 -4.84 15.11
SE MSE A 172 -7.64 -6.02 14.35
CE MSE A 172 -6.88 -6.56 16.04
N GLU A 173 -10.74 -2.57 16.76
CA GLU A 173 -10.23 -1.63 17.75
C GLU A 173 -9.86 -2.45 18.98
N ASN A 174 -8.83 -2.00 19.68
CA ASN A 174 -8.35 -2.68 20.88
C ASN A 174 -8.10 -4.17 20.67
N GLY A 175 -7.52 -4.54 19.53
CA GLY A 175 -7.21 -5.93 19.26
C GLY A 175 -8.36 -6.88 18.94
N LYS A 176 -9.57 -6.34 18.80
CA LYS A 176 -10.72 -7.17 18.47
C LYS A 176 -11.53 -6.65 17.31
N VAL A 177 -11.92 -7.55 16.42
CA VAL A 177 -12.71 -7.18 15.26
C VAL A 177 -14.11 -6.86 15.78
N PHE A 178 -14.82 -5.94 15.11
CA PHE A 178 -16.18 -5.59 15.56
C PHE A 178 -17.05 -6.82 15.48
N LYS A 179 -17.95 -6.99 16.45
CA LYS A 179 -18.83 -8.14 16.43
C LYS A 179 -19.50 -8.33 15.08
N ALA A 180 -20.07 -7.26 14.53
CA ALA A 180 -20.75 -7.38 13.25
C ALA A 180 -19.87 -7.99 12.15
N PHE A 181 -18.56 -7.69 12.19
CA PHE A 181 -17.65 -8.17 11.17
C PHE A 181 -17.48 -9.69 11.18
N THR A 182 -17.56 -10.30 12.35
CA THR A 182 -17.38 -11.76 12.46
C THR A 182 -18.42 -12.55 11.69
N GLU A 183 -19.62 -12.02 11.54
CA GLU A 183 -20.65 -12.73 10.80
C GLU A 183 -21.35 -11.83 9.79
N GLY A 184 -20.61 -10.94 9.16
CA GLY A 184 -21.22 -10.05 8.19
C GLY A 184 -20.64 -10.22 6.82
N LYS A 185 -21.20 -9.50 5.86
CA LYS A 185 -20.75 -9.53 4.48
C LYS A 185 -20.25 -8.14 4.14
N TYR A 186 -19.00 -8.06 3.70
CA TYR A 186 -18.40 -6.77 3.40
C TYR A 186 -17.65 -6.84 2.11
N SER A 187 -17.59 -5.71 1.41
CA SER A 187 -16.85 -5.70 0.17
C SER A 187 -15.91 -4.53 0.20
N VAL A 188 -14.76 -4.73 -0.42
CA VAL A 188 -13.77 -3.68 -0.52
C VAL A 188 -13.78 -3.32 -1.99
N LEU A 189 -14.14 -2.07 -2.29
CA LEU A 189 -14.22 -1.52 -3.64
C LEU A 189 -13.01 -0.60 -3.83
N ASP A 190 -11.99 -1.12 -4.51
CA ASP A 190 -10.72 -0.41 -4.70
C ASP A 190 -10.52 0.24 -6.10
N PHE A 191 -10.64 1.56 -6.18
CA PHE A 191 -10.46 2.29 -7.44
C PHE A 191 -8.97 2.55 -7.65
N GLY A 192 -8.33 1.67 -8.40
CA GLY A 192 -6.89 1.83 -8.64
C GLY A 192 -6.63 2.62 -9.91
N SER A 193 -5.36 2.85 -10.22
CA SER A 193 -5.00 3.58 -11.42
C SER A 193 -5.37 2.84 -12.71
N GLY A 194 -5.13 1.53 -12.74
CA GLY A 194 -5.42 0.77 -13.94
C GLY A 194 -6.56 -0.23 -13.84
N THR A 195 -7.00 -0.52 -12.62
CA THR A 195 -8.09 -1.48 -12.44
C THR A 195 -8.95 -1.06 -11.26
N THR A 196 -10.15 -1.64 -11.18
CA THR A 196 -11.08 -1.39 -10.09
C THR A 196 -11.36 -2.77 -9.53
N ILE A 197 -10.90 -3.00 -8.30
CA ILE A 197 -11.01 -4.31 -7.67
C ILE A 197 -12.07 -4.45 -6.58
N ILE A 198 -12.86 -5.52 -6.65
CA ILE A 198 -13.87 -5.78 -5.62
C ILE A 198 -13.51 -7.11 -4.96
N ASP A 199 -13.38 -7.08 -3.63
CA ASP A 199 -13.08 -8.27 -2.84
C ASP A 199 -14.17 -8.36 -1.81
N THR A 200 -14.85 -9.51 -1.80
CA THR A 200 -15.95 -9.72 -0.88
C THR A 200 -15.62 -10.72 0.21
N TYR A 201 -16.03 -10.39 1.42
CA TYR A 201 -15.78 -11.20 2.60
C TYR A 201 -17.08 -11.54 3.30
N GLN A 202 -17.17 -12.77 3.78
CA GLN A 202 -18.35 -13.22 4.51
C GLN A 202 -17.83 -13.96 5.74
N ASN A 203 -18.27 -13.54 6.91
CA ASN A 203 -17.82 -14.16 8.15
C ASN A 203 -16.31 -14.25 8.15
N MSE A 204 -15.69 -13.10 7.84
CA MSE A 204 -14.24 -12.96 7.83
C MSE A 204 -13.45 -13.74 6.81
O MSE A 204 -12.24 -13.77 6.88
CB MSE A 204 -13.68 -13.29 9.21
CG MSE A 204 -14.16 -12.34 10.29
SE MSE A 204 -13.28 -12.64 11.97
CE MSE A 204 -14.16 -14.36 12.41
N LYS A 205 -14.14 -14.38 5.87
CA LYS A 205 -13.39 -15.14 4.88
C LYS A 205 -13.71 -14.62 3.49
N ARG A 206 -12.67 -14.44 2.67
CA ARG A 206 -12.88 -13.93 1.32
C ARG A 206 -13.69 -14.90 0.48
N VAL A 207 -14.65 -14.36 -0.26
CA VAL A 207 -15.51 -15.15 -1.16
C VAL A 207 -15.06 -14.91 -2.60
N GLU A 208 -14.25 -15.82 -3.15
CA GLU A 208 -13.79 -15.64 -4.51
C GLU A 208 -14.92 -15.58 -5.52
N GLU A 209 -15.97 -16.34 -5.30
CA GLU A 209 -17.11 -16.34 -6.23
C GLU A 209 -17.80 -14.98 -6.30
N GLU A 210 -17.58 -14.12 -5.30
CA GLU A 210 -18.21 -12.80 -5.30
C GLU A 210 -17.22 -11.65 -5.36
N SER A 211 -16.02 -11.94 -5.87
CA SER A 211 -14.97 -10.93 -6.01
C SER A 211 -14.68 -10.83 -7.49
N PHE A 212 -14.25 -9.66 -7.94
CA PHE A 212 -13.94 -9.50 -9.37
C PHE A 212 -13.09 -8.28 -9.62
N VAL A 213 -12.65 -8.15 -10.87
CA VAL A 213 -11.83 -7.02 -11.29
C VAL A 213 -12.32 -6.42 -12.60
N ILE A 214 -12.38 -5.09 -12.66
CA ILE A 214 -12.78 -4.36 -13.86
C ILE A 214 -11.44 -3.83 -14.35
N ASN A 215 -11.12 -4.05 -15.63
CA ASN A 215 -9.84 -3.61 -16.16
C ASN A 215 -9.85 -2.16 -16.64
N LYS A 216 -10.38 -1.28 -15.80
CA LYS A 216 -10.45 0.14 -16.08
C LYS A 216 -10.16 0.84 -14.76
N GLY A 217 -9.32 1.88 -14.79
CA GLY A 217 -8.98 2.59 -13.57
C GLY A 217 -9.08 4.09 -13.72
N THR A 218 -8.44 4.82 -12.81
CA THR A 218 -8.48 6.27 -12.84
C THR A 218 -7.82 6.85 -14.10
N ILE A 219 -6.77 6.19 -14.57
CA ILE A 219 -6.08 6.62 -15.79
C ILE A 219 -7.11 6.60 -16.94
N ASP A 220 -7.83 5.49 -17.06
CA ASP A 220 -8.86 5.38 -18.09
C ASP A 220 -9.94 6.45 -17.90
N PHE A 221 -10.28 6.74 -16.65
CA PHE A 221 -11.29 7.74 -16.35
C PHE A 221 -10.89 9.11 -16.91
N TYR A 222 -9.76 9.61 -16.42
CA TYR A 222 -9.24 10.91 -16.81
C TYR A 222 -8.95 10.98 -18.31
N LYS A 223 -8.60 9.84 -18.90
CA LYS A 223 -8.33 9.79 -20.34
C LYS A 223 -9.62 9.93 -21.12
N ARG A 224 -10.64 9.19 -20.69
CA ARG A 224 -11.93 9.23 -21.35
C ARG A 224 -12.52 10.63 -21.23
N ILE A 225 -12.17 11.35 -20.17
CA ILE A 225 -12.68 12.71 -19.97
C ILE A 225 -11.90 13.69 -20.87
N ALA A 226 -10.57 13.62 -20.79
CA ALA A 226 -9.71 14.49 -21.59
C ALA A 226 -10.01 14.38 -23.08
N SER A 227 -10.56 13.24 -23.49
CA SER A 227 -10.91 13.03 -24.88
C SER A 227 -12.16 13.79 -25.30
N HIS A 228 -13.26 13.58 -24.58
CA HIS A 228 -14.51 14.26 -24.90
C HIS A 228 -14.32 15.78 -24.93
N VAL A 229 -13.47 16.28 -24.03
CA VAL A 229 -13.18 17.70 -23.95
C VAL A 229 -12.28 18.13 -25.11
N SER A 230 -11.77 17.14 -25.86
CA SER A 230 -10.90 17.38 -27.01
C SER A 230 -10.04 18.65 -26.89
N THR A 239 -5.61 15.33 -22.56
CA THR A 239 -4.56 15.26 -21.55
C THR A 239 -5.11 15.04 -20.14
N PRO A 240 -5.08 13.78 -19.66
CA PRO A 240 -5.60 13.46 -18.33
C PRO A 240 -4.86 14.24 -17.24
N ARG A 241 -3.53 14.26 -17.32
CA ARG A 241 -2.68 14.96 -16.37
C ARG A 241 -3.27 16.33 -16.04
N MET A 242 -4.00 16.89 -17.01
CA MET A 242 -4.62 18.20 -16.86
C MET A 242 -5.91 18.14 -16.06
N ILE A 243 -6.78 17.19 -16.39
CA ILE A 243 -8.04 17.03 -15.68
C ILE A 243 -7.78 16.75 -14.20
N GLU A 244 -6.82 15.86 -13.96
CA GLU A 244 -6.42 15.47 -12.62
C GLU A 244 -6.14 16.72 -11.78
N LYS A 245 -5.57 17.74 -12.41
CA LYS A 245 -5.28 18.99 -11.73
C LYS A 245 -6.43 19.98 -11.97
N GLY A 246 -7.39 19.99 -11.06
CA GLY A 246 -8.53 20.89 -11.19
C GLY A 246 -9.85 20.17 -11.37
N LEU A 247 -10.22 19.38 -10.37
CA LEU A 247 -11.46 18.61 -10.42
C LEU A 247 -12.70 19.40 -9.97
N GLU A 248 -12.52 20.33 -9.04
CA GLU A 248 -13.63 21.14 -8.56
C GLU A 248 -14.16 21.92 -9.75
N PHE A 262 -14.89 21.50 -17.26
CA PHE A 262 -15.29 20.22 -17.82
C PHE A 262 -16.27 19.49 -16.91
N LYS A 263 -16.93 20.24 -16.04
CA LYS A 263 -17.90 19.68 -15.10
C LYS A 263 -18.88 18.69 -15.72
N ASP A 264 -19.40 19.02 -16.90
CA ASP A 264 -20.37 18.21 -17.61
C ASP A 264 -19.81 16.84 -18.01
N GLU A 265 -18.60 16.87 -18.55
CA GLU A 265 -17.93 15.66 -18.97
C GLU A 265 -17.72 14.75 -17.77
N PHE A 266 -17.08 15.30 -16.74
CA PHE A 266 -16.81 14.56 -15.52
C PHE A 266 -18.02 13.75 -15.09
N TYR A 267 -19.10 14.42 -14.74
CA TYR A 267 -20.32 13.75 -14.30
C TYR A 267 -20.81 12.69 -15.26
N LYS A 268 -20.53 12.86 -16.54
CA LYS A 268 -20.97 11.89 -17.54
C LYS A 268 -20.12 10.63 -17.52
N GLU A 269 -18.81 10.80 -17.50
CA GLU A 269 -17.92 9.67 -17.45
C GLU A 269 -18.15 8.92 -16.13
N GLN A 270 -18.15 9.65 -15.02
CA GLN A 270 -18.34 9.03 -13.71
C GLN A 270 -19.73 8.38 -13.59
N ASP A 271 -20.72 8.94 -14.27
CA ASP A 271 -22.06 8.38 -14.21
C ASP A 271 -22.07 6.96 -14.75
N SER A 272 -21.33 6.76 -15.83
CA SER A 272 -21.24 5.45 -16.47
C SER A 272 -20.35 4.49 -15.69
N LEU A 273 -19.28 5.02 -15.10
CA LEU A 273 -18.38 4.20 -14.31
C LEU A 273 -19.16 3.62 -13.14
N ILE A 274 -19.88 4.47 -12.43
CA ILE A 274 -20.65 4.01 -11.27
C ILE A 274 -21.77 3.06 -11.63
N GLU A 275 -22.43 3.30 -12.76
CA GLU A 275 -23.51 2.41 -13.14
C GLU A 275 -22.92 1.04 -13.46
N GLU A 276 -21.77 1.02 -14.10
CA GLU A 276 -21.16 -0.24 -14.43
C GLU A 276 -20.74 -1.01 -13.17
N VAL A 277 -20.11 -0.30 -12.24
CA VAL A 277 -19.64 -0.97 -11.03
C VAL A 277 -20.78 -1.54 -10.20
N MSE A 278 -21.80 -0.74 -9.94
CA MSE A 278 -22.92 -1.25 -9.14
C MSE A 278 -23.70 -2.32 -9.86
O MSE A 278 -24.25 -3.22 -9.24
CB MSE A 278 -23.82 -0.11 -8.69
CG MSE A 278 -23.21 0.72 -7.53
SE MSE A 278 -21.72 -0.16 -6.58
CE MSE A 278 -20.29 0.92 -7.28
N SER A 279 -23.78 -2.24 -11.19
CA SER A 279 -24.49 -3.27 -11.95
C SER A 279 -23.75 -4.60 -11.76
N ASN A 280 -22.42 -4.55 -11.83
CA ASN A 280 -21.65 -5.79 -11.65
C ASN A 280 -21.83 -6.34 -10.25
N PHE A 281 -21.93 -5.43 -9.28
CA PHE A 281 -22.12 -5.80 -7.89
C PHE A 281 -23.41 -6.60 -7.76
N GLU A 282 -24.48 -6.05 -8.30
CA GLU A 282 -25.75 -6.74 -8.20
C GLU A 282 -25.74 -8.10 -8.87
N ILE A 283 -24.98 -8.23 -9.97
CA ILE A 283 -24.92 -9.49 -10.71
C ILE A 283 -24.14 -10.54 -9.92
N THR A 284 -22.94 -10.15 -9.47
CA THR A 284 -22.04 -11.04 -8.77
C THR A 284 -22.18 -11.17 -7.25
N VAL A 285 -22.23 -10.04 -6.54
CA VAL A 285 -22.33 -10.08 -5.09
C VAL A 285 -23.74 -10.32 -4.60
N GLY A 286 -24.70 -9.65 -5.23
CA GLY A 286 -26.09 -9.85 -4.84
C GLY A 286 -26.86 -8.60 -4.49
N ASN A 287 -28.01 -8.80 -3.84
CA ASN A 287 -28.85 -7.70 -3.42
C ASN A 287 -28.00 -6.81 -2.56
N ILE A 288 -27.88 -5.54 -2.96
CA ILE A 288 -27.07 -4.57 -2.24
C ILE A 288 -27.52 -4.42 -0.79
N ASN A 289 -28.63 -5.04 -0.44
CA ASN A 289 -29.15 -4.96 0.91
C ASN A 289 -28.62 -6.09 1.80
N SER A 290 -28.03 -7.10 1.17
CA SER A 290 -27.45 -8.21 1.89
C SER A 290 -26.02 -7.84 2.28
N ILE A 291 -25.55 -6.70 1.79
CA ILE A 291 -24.20 -6.27 2.10
C ILE A 291 -24.19 -5.33 3.30
N ASP A 292 -23.35 -5.60 4.29
CA ASP A 292 -23.29 -4.75 5.48
C ASP A 292 -22.52 -3.46 5.27
N ARG A 293 -21.51 -3.51 4.41
CA ARG A 293 -20.71 -2.31 4.14
C ARG A 293 -19.82 -2.55 2.92
N ILE A 294 -19.57 -1.48 2.19
CA ILE A 294 -18.68 -1.53 1.06
C ILE A 294 -17.71 -0.42 1.38
N ILE A 295 -16.44 -0.79 1.57
CA ILE A 295 -15.41 0.18 1.88
C ILE A 295 -14.88 0.63 0.53
N VAL A 296 -14.86 1.94 0.32
CA VAL A 296 -14.39 2.51 -0.94
C VAL A 296 -12.98 2.94 -0.68
N THR A 297 -12.03 2.39 -1.42
CA THR A 297 -10.62 2.72 -1.21
C THR A 297 -9.88 2.93 -2.55
N GLY A 298 -8.57 3.16 -2.51
CA GLY A 298 -7.84 3.37 -3.75
C GLY A 298 -7.69 4.85 -4.10
N GLY A 299 -6.78 5.16 -5.02
CA GLY A 299 -6.58 6.55 -5.40
C GLY A 299 -7.85 7.21 -5.90
N GLY A 300 -8.77 6.40 -6.42
CA GLY A 300 -10.00 6.97 -6.93
C GLY A 300 -11.11 7.14 -5.90
N ALA A 301 -10.92 6.63 -4.69
CA ALA A 301 -11.96 6.73 -3.67
C ALA A 301 -12.45 8.15 -3.46
N ASN A 302 -11.54 9.08 -3.28
CA ASN A 302 -11.93 10.47 -3.08
C ASN A 302 -12.75 11.05 -4.22
N ILE A 303 -12.49 10.58 -5.41
CA ILE A 303 -13.18 11.08 -6.59
C ILE A 303 -14.61 10.59 -6.69
N HIS A 304 -14.84 9.31 -6.37
CA HIS A 304 -16.17 8.74 -6.50
C HIS A 304 -17.03 8.51 -5.27
N PHE A 305 -16.46 8.59 -4.07
CA PHE A 305 -17.23 8.33 -2.85
C PHE A 305 -18.53 9.14 -2.75
N ASP A 306 -18.47 10.42 -3.08
CA ASP A 306 -19.67 11.24 -3.03
C ASP A 306 -20.82 10.72 -3.87
N SER A 307 -20.58 10.48 -5.15
CA SER A 307 -21.64 9.99 -6.01
C SER A 307 -22.14 8.62 -5.57
N LEU A 308 -21.22 7.76 -5.13
CA LEU A 308 -21.62 6.43 -4.67
C LEU A 308 -22.58 6.54 -3.51
N SER A 309 -22.29 7.44 -2.59
CA SER A 309 -23.12 7.64 -1.41
C SER A 309 -24.55 8.06 -1.73
N HIS A 310 -24.74 8.72 -2.88
CA HIS A 310 -26.07 9.15 -3.28
C HIS A 310 -26.71 8.08 -4.14
N TYR A 311 -25.88 7.15 -4.61
CA TYR A 311 -26.37 6.08 -5.45
C TYR A 311 -27.10 5.08 -4.56
N TYR A 312 -26.53 4.81 -3.39
CA TYR A 312 -27.14 3.90 -2.40
C TYR A 312 -26.84 4.44 -1.01
N SER A 313 -27.87 4.47 -0.19
CA SER A 313 -27.74 4.99 1.16
C SER A 313 -27.34 3.93 2.18
N ASP A 314 -26.63 4.40 3.20
CA ASP A 314 -26.21 3.56 4.31
C ASP A 314 -25.40 2.32 4.00
N VAL A 315 -24.51 2.37 3.02
CA VAL A 315 -23.73 1.17 2.74
C VAL A 315 -22.26 1.44 2.40
N PHE A 316 -22.00 2.58 1.78
CA PHE A 316 -20.63 2.89 1.43
C PHE A 316 -19.93 3.60 2.57
N GLU A 317 -18.67 3.28 2.77
CA GLU A 317 -17.89 3.93 3.80
C GLU A 317 -16.50 4.25 3.27
N LYS A 318 -15.89 5.32 3.76
CA LYS A 318 -14.54 5.67 3.32
C LYS A 318 -13.74 6.05 4.55
N ALA A 319 -12.44 5.74 4.53
CA ALA A 319 -11.55 6.11 5.63
C ALA A 319 -10.73 7.32 5.16
N ASP A 320 -10.21 8.12 6.10
CA ASP A 320 -9.36 9.26 5.72
C ASP A 320 -8.01 8.70 5.31
N ASP A 321 -7.27 9.41 4.47
CA ASP A 321 -5.96 8.96 3.98
C ASP A 321 -6.02 7.51 3.54
N SER A 322 -6.86 7.23 2.56
CA SER A 322 -7.04 5.89 2.02
C SER A 322 -5.70 5.22 1.65
N GLN A 323 -4.68 6.03 1.33
CA GLN A 323 -3.39 5.45 0.96
C GLN A 323 -2.80 4.65 2.13
N PHE A 324 -3.07 5.08 3.36
CA PHE A 324 -2.54 4.38 4.53
C PHE A 324 -3.48 3.33 5.19
N SER A 325 -4.65 3.10 4.60
CA SER A 325 -5.61 2.14 5.15
C SER A 325 -5.04 0.76 5.37
N ASN A 326 -4.36 0.20 4.36
CA ASN A 326 -3.78 -1.14 4.49
C ASN A 326 -2.79 -1.16 5.67
N VAL A 327 -1.86 -0.20 5.70
CA VAL A 327 -0.88 -0.16 6.76
C VAL A 327 -1.50 -0.02 8.15
N ARG A 328 -2.54 0.81 8.29
CA ARG A 328 -3.18 0.96 9.60
C ARG A 328 -3.82 -0.36 9.98
N GLY A 329 -4.29 -1.12 8.98
CA GLY A 329 -4.90 -2.40 9.30
C GLY A 329 -3.85 -3.42 9.71
N TYR A 330 -2.74 -3.47 8.95
CA TYR A 330 -1.66 -4.40 9.26
C TYR A 330 -1.07 -4.08 10.63
N GLU A 331 -0.99 -2.79 10.96
CA GLU A 331 -0.42 -2.39 12.25
C GLU A 331 -1.18 -3.00 13.43
N LYS A 332 -2.50 -3.06 13.33
CA LYS A 332 -3.31 -3.66 14.39
C LYS A 332 -2.94 -5.14 14.60
N LEU A 333 -2.74 -5.87 13.53
CA LEU A 333 -2.35 -7.28 13.62
C LEU A 333 -0.93 -7.37 14.18
N GLY A 334 -0.11 -6.37 13.84
CA GLY A 334 1.25 -6.35 14.32
C GLY A 334 1.27 -6.17 15.85
N GLU A 335 0.35 -5.37 16.38
CA GLU A 335 0.26 -5.13 17.83
C GLU A 335 -0.04 -6.44 18.53
N LEU A 336 -0.95 -7.21 17.94
CA LEU A 336 -1.32 -8.51 18.51
C LEU A 336 -0.14 -9.44 18.42
N LEU A 337 0.61 -9.37 17.33
CA LEU A 337 1.78 -10.25 17.20
C LEU A 337 2.83 -9.83 18.24
N LYS A 338 2.92 -8.53 18.49
CA LYS A 338 3.87 -8.01 19.47
C LYS A 338 3.53 -8.54 20.87
N ASN A 339 2.25 -8.62 21.19
CA ASN A 339 1.88 -9.14 22.51
C ASN A 339 2.25 -10.62 22.58
N LYS A 340 1.95 -11.36 21.52
CA LYS A 340 2.27 -12.79 21.52
C LYS A 340 3.75 -13.01 21.80
N VAL A 341 4.58 -12.11 21.27
CA VAL A 341 6.03 -12.18 21.44
C VAL A 341 6.52 -11.74 22.82
N GLU A 342 5.86 -10.73 23.39
CA GLU A 342 6.26 -10.23 24.70
C GLU A 342 5.89 -11.21 25.80
N GLN A 343 5.02 -12.16 25.45
CA GLN A 343 4.61 -13.20 26.38
C GLN A 343 5.74 -14.22 26.44
#